data_5QHU
#
_entry.id   5QHU
#
_cell.length_a   34.320
_cell.length_b   41.480
_cell.length_c   110.730
_cell.angle_alpha   90.000
_cell.angle_beta   90.000
_cell.angle_gamma   90.000
#
_symmetry.space_group_name_H-M   'P 21 21 21'
#
loop_
_entity.id
_entity.type
_entity.pdbx_description
1 polymer 'Poly [ADP-ribose] polymerase 14'
2 non-polymer 'CHLORIDE ION'
3 non-polymer 'DIMETHYL SULFOXIDE'
4 non-polymer N-(2-hydroxyphenyl)acetamide
5 water water
#
_entity_poly.entity_id   1
_entity_poly.type   'polypeptide(L)'
_entity_poly.pdbx_seq_one_letter_code
;SMFYGTVSSPDSGVYEMKIGSIIFQVASGDITKEEADVIVNSTSNSFNLKAGVSKAILECAGQNVERECSQQAQQRKNDY
IITGGGFLRCKNIIHVIGGNDVKSSVSSVLQECEKKNYSSICLPAIGTGNAKQHPDKVAEAIIDAIEDFVQKGSAQSVKK
VKVVIFLPQVLDVFYANMKKREG
;
_entity_poly.pdbx_strand_id   A
#
loop_
_chem_comp.id
_chem_comp.type
_chem_comp.name
_chem_comp.formula
9KS non-polymer N-(2-hydroxyphenyl)acetamide 'C8 H9 N O2'
CL non-polymer 'CHLORIDE ION' 'Cl -1'
DMS non-polymer 'DIMETHYL SULFOXIDE' 'C2 H6 O S'
#
# COMPACT_ATOMS: atom_id res chain seq x y z
N MET A 2 1.72 24.09 -1.79
CA MET A 2 2.89 23.17 -1.70
C MET A 2 2.55 21.69 -2.04
N PHE A 3 3.56 21.02 -2.59
CA PHE A 3 3.71 19.62 -2.97
C PHE A 3 2.85 19.06 -4.07
N TYR A 4 1.58 19.45 -4.14
CA TYR A 4 0.57 18.70 -4.92
C TYR A 4 0.41 19.26 -6.33
N GLY A 5 0.44 18.34 -7.29
CA GLY A 5 0.11 18.64 -8.68
C GLY A 5 -1.39 18.53 -8.94
N THR A 6 -1.73 18.14 -10.16
CA THR A 6 -3.10 18.16 -10.67
C THR A 6 -3.65 16.73 -10.84
N VAL A 7 -4.90 16.50 -10.48
CA VAL A 7 -5.55 15.19 -10.68
C VAL A 7 -5.98 15.01 -12.16
N SER A 8 -5.54 13.91 -12.77
CA SER A 8 -5.99 13.52 -14.12
C SER A 8 -6.21 12.00 -14.20
N SER A 9 -6.72 11.53 -15.35
CA SER A 9 -6.99 10.11 -15.57
C SER A 9 -6.21 9.60 -16.79
N PRO A 10 -5.11 8.85 -16.56
CA PRO A 10 -4.29 8.38 -17.69
C PRO A 10 -4.87 7.18 -18.44
N ASP A 11 -5.77 6.43 -17.78
CA ASP A 11 -6.44 5.24 -18.32
C ASP A 11 -7.84 5.14 -17.67
N SER A 12 -8.82 4.46 -18.28
CA SER A 12 -10.17 4.49 -17.70
C SER A 12 -10.14 3.87 -16.28
N GLY A 13 -10.82 4.53 -15.35
CA GLY A 13 -10.82 4.11 -13.95
C GLY A 13 -9.56 4.31 -13.12
N VAL A 14 -8.53 4.92 -13.71
CA VAL A 14 -7.27 5.23 -12.98
C VAL A 14 -7.13 6.74 -12.84
N TYR A 15 -6.74 7.19 -11.64
CA TYR A 15 -6.58 8.62 -11.36
C TYR A 15 -5.20 8.82 -10.75
N GLU A 16 -4.55 9.93 -11.12
CA GLU A 16 -3.18 10.19 -10.66
C GLU A 16 -2.93 11.67 -10.38
N MET A 17 -1.94 11.92 -9.51
N MET A 17 -1.92 11.94 -9.54
CA MET A 17 -1.40 13.27 -9.32
CA MET A 17 -1.51 13.31 -9.13
C MET A 17 0.03 13.17 -8.79
C MET A 17 -0.04 13.23 -8.69
N LYS A 18 0.80 14.22 -9.02
CA LYS A 18 2.15 14.29 -8.44
C LYS A 18 2.06 14.77 -6.97
N ILE A 19 2.92 14.16 -6.14
CA ILE A 19 3.18 14.61 -4.75
C ILE A 19 4.70 14.76 -4.68
N GLY A 20 5.20 16.01 -4.78
CA GLY A 20 6.62 16.22 -5.04
C GLY A 20 6.98 15.52 -6.34
N SER A 21 8.06 14.73 -6.29
CA SER A 21 8.54 13.95 -7.44
C SER A 21 7.80 12.61 -7.68
N ILE A 22 6.94 12.19 -6.75
CA ILE A 22 6.29 10.86 -6.79
C ILE A 22 4.97 10.95 -7.57
N ILE A 23 4.73 9.99 -8.44
CA ILE A 23 3.41 9.84 -9.06
C ILE A 23 2.55 8.96 -8.12
N PHE A 24 1.45 9.52 -7.63
CA PHE A 24 0.50 8.82 -6.77
C PHE A 24 -0.74 8.46 -7.63
N GLN A 25 -1.09 7.18 -7.66
N GLN A 25 -1.13 7.19 -7.62
CA GLN A 25 -2.22 6.70 -8.47
CA GLN A 25 -2.20 6.68 -8.49
C GLN A 25 -3.19 5.88 -7.62
C GLN A 25 -3.19 5.84 -7.65
N VAL A 26 -4.48 5.90 -8.02
CA VAL A 26 -5.51 5.03 -7.44
C VAL A 26 -6.32 4.37 -8.58
N ALA A 27 -6.76 3.14 -8.33
CA ALA A 27 -7.64 2.38 -9.27
C ALA A 27 -8.39 1.30 -8.47
N SER A 28 -9.51 0.82 -9.00
N SER A 28 -9.52 0.83 -9.00
N SER A 28 -9.52 0.83 -8.97
CA SER A 28 -10.19 -0.34 -8.42
CA SER A 28 -10.21 -0.34 -8.45
CA SER A 28 -10.18 -0.35 -8.37
C SER A 28 -9.76 -1.62 -9.14
C SER A 28 -9.68 -1.61 -9.12
C SER A 28 -9.75 -1.61 -9.11
N GLY A 29 -9.71 -2.74 -8.41
CA GLY A 29 -9.34 -4.05 -8.99
C GLY A 29 -8.73 -5.03 -8.01
N ASP A 30 -8.19 -6.12 -8.57
CA ASP A 30 -7.54 -7.20 -7.82
C ASP A 30 -6.03 -6.92 -7.76
N ILE A 31 -5.54 -6.59 -6.57
CA ILE A 31 -4.14 -6.24 -6.36
C ILE A 31 -3.17 -7.39 -6.74
N THR A 32 -3.63 -8.65 -6.69
CA THR A 32 -2.76 -9.80 -6.99
C THR A 32 -2.37 -9.92 -8.46
N LYS A 33 -3.01 -9.14 -9.33
CA LYS A 33 -2.68 -9.09 -10.75
C LYS A 33 -1.68 -7.96 -11.10
N GLU A 34 -1.26 -7.17 -10.11
CA GLU A 34 -0.33 -6.05 -10.33
C GLU A 34 1.14 -6.48 -10.34
N GLU A 35 1.96 -5.70 -11.05
CA GLU A 35 3.42 -5.83 -11.02
C GLU A 35 4.02 -4.57 -10.35
N ALA A 36 4.90 -4.76 -9.36
CA ALA A 36 5.58 -3.63 -8.68
C ALA A 36 6.79 -4.20 -7.95
N ASP A 37 7.75 -3.34 -7.55
CA ASP A 37 8.86 -3.86 -6.74
C ASP A 37 8.35 -4.45 -5.41
N VAL A 38 7.43 -3.71 -4.74
CA VAL A 38 6.79 -4.18 -3.49
C VAL A 38 5.28 -4.14 -3.64
N ILE A 39 4.63 -5.24 -3.18
CA ILE A 39 3.17 -5.29 -2.93
C ILE A 39 2.97 -5.37 -1.42
N VAL A 40 2.02 -4.58 -0.91
CA VAL A 40 1.69 -4.56 0.53
C VAL A 40 0.46 -5.44 0.82
N ASN A 41 0.58 -6.25 1.89
CA ASN A 41 -0.54 -7.04 2.46
C ASN A 41 -1.01 -6.38 3.77
N SER A 42 -2.33 -6.31 3.97
CA SER A 42 -2.94 -5.78 5.20
C SER A 42 -3.50 -6.97 5.99
N THR A 43 -2.84 -7.34 7.08
CA THR A 43 -3.10 -8.62 7.78
C THR A 43 -3.30 -8.41 9.29
N SER A 44 -3.37 -9.52 10.02
CA SER A 44 -3.51 -9.55 11.49
C SER A 44 -2.16 -9.46 12.20
N ASN A 45 -2.19 -9.30 13.52
CA ASN A 45 -0.92 -9.23 14.29
C ASN A 45 -0.14 -10.56 14.37
N SER A 46 -0.74 -11.66 13.91
CA SER A 46 -0.13 -12.97 13.71
C SER A 46 0.41 -13.28 12.31
N PHE A 47 0.13 -12.38 11.38
CA PHE A 47 0.58 -12.48 9.99
C PHE A 47 0.09 -13.76 9.30
N ASN A 48 -1.08 -14.24 9.74
CA ASN A 48 -1.63 -15.51 9.19
C ASN A 48 -3.13 -15.39 8.83
N LEU A 49 -3.66 -14.18 8.71
CA LEU A 49 -5.04 -13.98 8.28
C LEU A 49 -5.20 -14.40 6.81
N LYS A 50 -6.37 -14.95 6.49
CA LYS A 50 -6.68 -15.32 5.11
C LYS A 50 -8.15 -14.99 4.85
N ALA A 51 -8.43 -13.69 4.91
CA ALA A 51 -9.77 -13.13 4.71
C ALA A 51 -9.62 -11.82 3.95
N GLY A 52 -10.48 -11.59 2.96
CA GLY A 52 -10.38 -10.34 2.18
C GLY A 52 -9.09 -10.29 1.38
N VAL A 53 -8.43 -9.12 1.37
N VAL A 53 -8.41 -9.13 1.34
CA VAL A 53 -7.22 -8.96 0.58
CA VAL A 53 -7.15 -9.02 0.54
C VAL A 53 -6.16 -9.97 0.96
C VAL A 53 -6.14 -10.03 0.95
N SER A 54 -6.03 -10.28 2.26
CA SER A 54 -5.03 -11.24 2.73
C SER A 54 -5.27 -12.64 2.19
N LYS A 55 -6.54 -13.04 2.01
CA LYS A 55 -6.84 -14.34 1.39
C LYS A 55 -6.27 -14.41 -0.01
N ALA A 56 -6.56 -13.39 -0.84
CA ALA A 56 -6.07 -13.35 -2.21
C ALA A 56 -4.55 -13.32 -2.30
N ILE A 57 -3.93 -12.48 -1.48
CA ILE A 57 -2.47 -12.37 -1.48
C ILE A 57 -1.81 -13.70 -1.07
N LEU A 58 -2.24 -14.31 0.05
CA LEU A 58 -1.56 -15.56 0.49
C LEU A 58 -1.81 -16.74 -0.46
N GLU A 59 -3.03 -16.86 -0.98
CA GLU A 59 -3.33 -17.92 -1.97
C GLU A 59 -2.51 -17.78 -3.28
N CYS A 60 -2.41 -16.55 -3.78
N CYS A 60 -2.42 -16.57 -3.84
CA CYS A 60 -1.66 -16.35 -5.03
CA CYS A 60 -1.61 -16.34 -5.06
C CYS A 60 -0.12 -16.36 -4.83
C CYS A 60 -0.11 -16.44 -4.78
N ALA A 61 0.36 -15.88 -3.67
CA ALA A 61 1.80 -15.88 -3.35
C ALA A 61 2.35 -17.31 -3.12
N GLY A 62 1.53 -18.13 -2.44
CA GLY A 62 1.84 -19.54 -2.25
C GLY A 62 2.31 -19.90 -0.85
N GLN A 63 2.46 -21.22 -0.65
CA GLN A 63 2.71 -21.77 0.68
C GLN A 63 4.08 -21.41 1.26
N ASN A 64 5.10 -21.23 0.41
CA ASN A 64 6.41 -20.81 0.91
C ASN A 64 6.37 -19.43 1.59
N VAL A 65 5.60 -18.49 1.02
CA VAL A 65 5.40 -17.17 1.67
C VAL A 65 4.60 -17.29 2.97
N GLU A 66 3.56 -18.14 2.98
CA GLU A 66 2.80 -18.40 4.21
C GLU A 66 3.71 -18.87 5.33
N ARG A 67 4.59 -19.82 5.00
CA ARG A 67 5.53 -20.37 6.00
C ARG A 67 6.59 -19.34 6.48
N GLU A 68 7.11 -18.51 5.56
CA GLU A 68 8.02 -17.40 5.92
C GLU A 68 7.36 -16.47 6.96
N CYS A 69 6.09 -16.13 6.71
CA CYS A 69 5.34 -15.28 7.67
C CYS A 69 5.24 -15.84 9.10
N SER A 70 4.82 -17.10 9.23
N SER A 70 4.81 -17.09 9.22
CA SER A 70 4.66 -17.70 10.56
CA SER A 70 4.64 -17.70 10.54
C SER A 70 6.01 -17.92 11.24
C SER A 70 5.98 -18.02 11.23
N GLN A 71 7.05 -18.19 10.45
CA GLN A 71 8.42 -18.33 10.99
C GLN A 71 8.91 -17.02 11.60
N GLN A 72 8.74 -15.89 10.90
CA GLN A 72 9.15 -14.60 11.44
C GLN A 72 8.29 -14.15 12.63
N ALA A 73 6.99 -14.45 12.59
CA ALA A 73 6.05 -14.07 13.67
C ALA A 73 6.44 -14.69 15.03
N GLN A 74 6.94 -15.91 15.00
CA GLN A 74 7.37 -16.60 16.23
C GLN A 74 8.74 -16.14 16.77
N GLN A 75 9.56 -15.55 15.91
CA GLN A 75 10.94 -15.12 16.26
C GLN A 75 11.02 -13.89 17.17
N ARG A 76 10.13 -12.92 16.95
CA ARG A 76 10.09 -11.66 17.72
C ARG A 76 8.73 -11.00 17.57
N LYS A 77 8.49 -9.93 18.34
CA LYS A 77 7.30 -9.08 18.17
C LYS A 77 7.54 -8.07 17.03
N ASN A 78 6.82 -8.22 15.92
CA ASN A 78 6.99 -7.37 14.72
C ASN A 78 5.82 -6.42 14.52
N ASP A 79 6.10 -5.16 14.16
CA ASP A 79 5.05 -4.25 13.67
C ASP A 79 4.71 -4.57 12.19
N TYR A 80 5.65 -5.14 11.44
CA TYR A 80 5.44 -5.55 10.03
C TYR A 80 6.55 -6.55 9.70
N ILE A 81 6.35 -7.36 8.65
CA ILE A 81 7.37 -8.28 8.19
C ILE A 81 7.56 -8.19 6.65
N ILE A 82 8.78 -8.51 6.21
CA ILE A 82 9.16 -8.49 4.80
C ILE A 82 9.45 -9.93 4.36
N THR A 83 8.76 -10.42 3.32
CA THR A 83 9.00 -11.74 2.75
C THR A 83 9.34 -11.60 1.26
N GLY A 84 9.73 -12.72 0.67
CA GLY A 84 9.75 -12.81 -0.77
C GLY A 84 8.36 -12.62 -1.38
N GLY A 85 8.34 -12.48 -2.71
CA GLY A 85 7.12 -12.31 -3.46
C GLY A 85 6.37 -13.58 -3.86
N GLY A 86 7.00 -14.76 -3.68
CA GLY A 86 6.38 -16.03 -4.07
C GLY A 86 5.98 -15.96 -5.54
N PHE A 87 4.75 -16.37 -5.86
CA PHE A 87 4.21 -16.30 -7.21
C PHE A 87 3.46 -15.00 -7.59
N LEU A 88 3.57 -13.97 -6.75
CA LEU A 88 3.14 -12.64 -7.17
C LEU A 88 4.23 -11.98 -8.02
N ARG A 89 3.82 -10.99 -8.81
CA ARG A 89 4.74 -10.23 -9.68
C ARG A 89 5.40 -9.05 -8.94
N CYS A 90 6.22 -9.39 -7.96
CA CYS A 90 6.94 -8.42 -7.16
C CYS A 90 8.24 -9.03 -6.65
N LYS A 91 9.13 -8.16 -6.15
CA LYS A 91 10.40 -8.58 -5.51
C LYS A 91 10.23 -8.94 -4.03
N ASN A 92 9.37 -8.19 -3.32
CA ASN A 92 9.08 -8.47 -1.90
C ASN A 92 7.62 -8.14 -1.61
N ILE A 93 7.05 -8.83 -0.62
CA ILE A 93 5.77 -8.44 -0.01
C ILE A 93 6.10 -7.85 1.37
N ILE A 94 5.51 -6.68 1.69
CA ILE A 94 5.59 -6.15 3.06
C ILE A 94 4.20 -6.34 3.68
N HIS A 95 4.14 -7.12 4.77
CA HIS A 95 2.90 -7.45 5.46
C HIS A 95 2.78 -6.52 6.67
N VAL A 96 1.79 -5.61 6.62
CA VAL A 96 1.51 -4.64 7.69
C VAL A 96 0.24 -5.09 8.46
N ILE A 97 0.08 -4.59 9.67
CA ILE A 97 -1.05 -4.95 10.54
C ILE A 97 -2.20 -3.97 10.28
N GLY A 98 -3.32 -4.48 9.77
CA GLY A 98 -4.45 -3.62 9.37
C GLY A 98 -5.00 -2.71 10.46
N GLY A 99 -4.93 -3.18 11.72
CA GLY A 99 -5.43 -2.39 12.85
C GLY A 99 -4.47 -1.32 13.37
N ASN A 100 -3.22 -1.33 12.92
CA ASN A 100 -2.26 -0.31 13.34
C ASN A 100 -2.52 1.06 12.66
N ASP A 101 -1.89 2.10 13.21
N ASP A 101 -1.90 2.10 13.22
CA ASP A 101 -1.90 3.46 12.61
CA ASP A 101 -1.91 3.44 12.63
C ASP A 101 -1.43 3.36 11.15
C ASP A 101 -1.43 3.38 11.17
N VAL A 102 -2.31 3.75 10.24
CA VAL A 102 -2.03 3.59 8.80
C VAL A 102 -0.91 4.51 8.31
N LYS A 103 -0.87 5.74 8.84
CA LYS A 103 0.21 6.67 8.45
C LYS A 103 1.57 6.06 8.83
N SER A 104 1.68 5.52 10.06
CA SER A 104 2.92 4.87 10.49
C SER A 104 3.30 3.66 9.59
N SER A 105 2.30 2.84 9.26
CA SER A 105 2.56 1.67 8.39
C SER A 105 3.10 2.07 7.00
N VAL A 106 2.47 3.08 6.38
CA VAL A 106 2.91 3.54 5.07
C VAL A 106 4.30 4.20 5.13
N SER A 107 4.56 4.99 6.19
CA SER A 107 5.90 5.54 6.39
C SER A 107 6.98 4.43 6.45
N SER A 108 6.69 3.34 7.16
CA SER A 108 7.62 2.20 7.23
C SER A 108 7.85 1.55 5.85
N VAL A 109 6.76 1.34 5.10
CA VAL A 109 6.89 0.79 3.74
C VAL A 109 7.78 1.66 2.85
N LEU A 110 7.57 2.98 2.87
CA LEU A 110 8.37 3.92 2.06
C LEU A 110 9.88 3.82 2.44
N GLN A 111 10.16 3.80 3.74
N GLN A 111 10.18 3.81 3.75
CA GLN A 111 11.55 3.74 4.22
CA GLN A 111 11.57 3.73 4.23
C GLN A 111 12.24 2.43 3.80
C GLN A 111 12.24 2.42 3.82
N GLU A 112 11.52 1.31 3.92
CA GLU A 112 12.05 0.00 3.51
C GLU A 112 12.31 -0.06 1.99
N CYS A 113 11.44 0.58 1.21
CA CYS A 113 11.66 0.63 -0.23
C CYS A 113 12.88 1.48 -0.62
N GLU A 114 13.12 2.61 0.04
CA GLU A 114 14.37 3.39 -0.17
C GLU A 114 15.62 2.59 0.18
N LYS A 115 15.56 1.82 1.27
N LYS A 115 15.56 1.82 1.27
CA LYS A 115 16.69 0.98 1.69
CA LYS A 115 16.68 0.97 1.69
C LYS A 115 17.07 -0.05 0.61
C LYS A 115 17.06 -0.07 0.62
N LYS A 116 16.10 -0.53 -0.18
CA LYS A 116 16.36 -1.50 -1.25
C LYS A 116 16.53 -0.85 -2.64
N ASN A 117 16.51 0.49 -2.70
CA ASN A 117 16.59 1.23 -3.98
C ASN A 117 15.46 0.85 -4.94
N TYR A 118 14.27 0.57 -4.40
CA TYR A 118 13.08 0.26 -5.20
C TYR A 118 12.38 1.54 -5.70
N SER A 119 11.72 1.40 -6.85
CA SER A 119 11.04 2.53 -7.53
C SER A 119 9.51 2.49 -7.48
N SER A 120 8.89 1.29 -7.36
CA SER A 120 7.43 1.18 -7.41
C SER A 120 6.85 0.36 -6.25
N ILE A 121 5.69 0.83 -5.78
CA ILE A 121 4.94 0.23 -4.67
C ILE A 121 3.47 0.11 -5.07
N CYS A 122 2.81 -1.00 -4.72
N CYS A 122 2.82 -1.01 -4.71
CA CYS A 122 1.37 -1.12 -4.84
CA CYS A 122 1.37 -1.18 -4.82
C CYS A 122 0.80 -1.58 -3.49
C CYS A 122 0.81 -1.57 -3.46
N LEU A 123 -0.24 -0.88 -3.01
CA LEU A 123 -0.87 -1.19 -1.71
C LEU A 123 -2.39 -1.24 -1.84
N PRO A 124 -3.07 -1.95 -0.92
CA PRO A 124 -4.52 -1.89 -0.80
C PRO A 124 -4.94 -0.70 0.06
N ALA A 125 -6.26 -0.52 0.27
CA ALA A 125 -6.76 0.48 1.23
C ALA A 125 -6.60 -0.12 2.65
N ILE A 126 -5.36 -0.06 3.14
CA ILE A 126 -4.93 -0.70 4.39
C ILE A 126 -5.92 -0.38 5.53
N GLY A 127 -6.37 -1.41 6.25
CA GLY A 127 -7.24 -1.20 7.42
C GLY A 127 -8.73 -1.22 7.18
N THR A 128 -9.15 -1.16 5.91
CA THR A 128 -10.58 -1.06 5.61
C THR A 128 -11.33 -2.38 5.56
N GLY A 129 -10.58 -3.50 5.58
CA GLY A 129 -11.16 -4.84 5.58
C GLY A 129 -11.44 -5.36 6.98
N ASN A 130 -10.79 -6.45 7.37
CA ASN A 130 -10.99 -7.06 8.70
C ASN A 130 -10.89 -6.06 9.88
N ALA A 131 -9.95 -5.12 9.76
CA ALA A 131 -9.73 -4.15 10.83
C ALA A 131 -10.85 -3.10 10.99
N LYS A 132 -11.65 -2.90 9.93
CA LYS A 132 -12.82 -2.01 9.98
C LYS A 132 -12.47 -0.57 10.43
N GLN A 133 -11.35 -0.02 9.91
CA GLN A 133 -11.08 1.41 9.97
C GLN A 133 -11.88 2.15 8.88
N HIS A 134 -12.24 3.40 9.15
N HIS A 134 -12.25 3.41 9.16
CA HIS A 134 -13.07 4.17 8.23
CA HIS A 134 -13.08 4.23 8.24
C HIS A 134 -12.30 4.60 6.97
C HIS A 134 -12.30 4.60 6.97
N PRO A 135 -12.90 4.39 5.77
CA PRO A 135 -12.20 4.75 4.52
C PRO A 135 -11.69 6.19 4.41
N ASP A 136 -12.47 7.16 4.92
N ASP A 136 -12.42 7.23 4.85
CA ASP A 136 -12.04 8.56 4.87
CA ASP A 136 -11.79 8.58 4.67
C ASP A 136 -10.74 8.82 5.66
C ASP A 136 -10.63 8.82 5.63
N LYS A 137 -10.66 8.23 6.84
CA LYS A 137 -9.46 8.34 7.71
C LYS A 137 -8.25 7.60 7.10
N VAL A 138 -8.51 6.43 6.49
CA VAL A 138 -7.45 5.66 5.82
C VAL A 138 -6.86 6.44 4.63
N ALA A 139 -7.71 7.02 3.78
CA ALA A 139 -7.22 7.81 2.64
C ALA A 139 -6.36 9.00 3.10
N GLU A 140 -6.86 9.71 4.12
CA GLU A 140 -6.12 10.87 4.66
C GLU A 140 -4.73 10.45 5.17
N ALA A 141 -4.69 9.29 5.88
CA ALA A 141 -3.44 8.77 6.45
C ALA A 141 -2.40 8.35 5.39
N ILE A 142 -2.86 7.62 4.36
CA ILE A 142 -1.96 7.17 3.30
C ILE A 142 -1.32 8.38 2.59
N ILE A 143 -2.16 9.36 2.22
CA ILE A 143 -1.65 10.51 1.47
C ILE A 143 -0.76 11.39 2.38
N ASP A 144 -1.13 11.55 3.66
CA ASP A 144 -0.29 12.28 4.61
C ASP A 144 1.11 11.63 4.76
N ALA A 145 1.18 10.30 4.79
CA ALA A 145 2.48 9.63 4.90
C ALA A 145 3.40 9.97 3.72
N ILE A 146 2.83 9.99 2.51
CA ILE A 146 3.61 10.31 1.31
C ILE A 146 4.05 11.80 1.34
N GLU A 147 3.14 12.71 1.73
CA GLU A 147 3.50 14.13 1.87
C GLU A 147 4.68 14.32 2.84
N ASP A 148 4.60 13.68 4.01
CA ASP A 148 5.68 13.79 5.03
C ASP A 148 7.04 13.30 4.48
N PHE A 149 7.00 12.15 3.78
CA PHE A 149 8.21 11.55 3.19
C PHE A 149 8.86 12.54 2.17
N VAL A 150 8.03 13.14 1.32
CA VAL A 150 8.47 14.16 0.33
C VAL A 150 9.02 15.41 1.05
N GLN A 151 8.31 15.91 2.07
CA GLN A 151 8.71 17.14 2.78
C GLN A 151 10.09 17.00 3.45
N LYS A 152 10.37 15.79 3.94
CA LYS A 152 11.65 15.51 4.62
C LYS A 152 12.82 15.30 3.63
N GLY A 153 12.53 15.29 2.31
CA GLY A 153 13.56 15.12 1.29
C GLY A 153 13.96 13.67 1.12
N SER A 154 13.10 12.74 1.54
CA SER A 154 13.47 11.33 1.61
C SER A 154 13.27 10.57 0.28
N ALA A 155 12.47 11.12 -0.63
CA ALA A 155 12.21 10.45 -1.92
C ALA A 155 13.45 10.58 -2.81
N GLN A 156 14.04 9.43 -3.13
CA GLN A 156 15.24 9.33 -3.98
C GLN A 156 15.00 8.23 -5.03
N SER A 157 14.91 6.97 -4.59
N SER A 157 14.92 6.97 -4.59
CA SER A 157 14.59 5.88 -5.50
CA SER A 157 14.59 5.86 -5.48
C SER A 157 13.09 5.73 -5.79
C SER A 157 13.08 5.71 -5.77
N VAL A 158 12.22 5.98 -4.79
CA VAL A 158 10.77 5.76 -4.96
C VAL A 158 10.17 6.80 -5.93
N LYS A 159 9.52 6.31 -6.99
CA LYS A 159 8.94 7.15 -8.04
C LYS A 159 7.42 6.98 -8.23
N LYS A 160 6.85 5.84 -7.84
CA LYS A 160 5.43 5.54 -8.10
C LYS A 160 4.83 4.78 -6.94
N VAL A 161 3.69 5.29 -6.44
CA VAL A 161 2.94 4.65 -5.36
C VAL A 161 1.49 4.53 -5.84
N LYS A 162 1.00 3.28 -5.99
CA LYS A 162 -0.34 3.00 -6.54
C LYS A 162 -1.19 2.27 -5.48
N VAL A 163 -2.40 2.77 -5.23
CA VAL A 163 -3.38 2.09 -4.36
C VAL A 163 -4.38 1.37 -5.26
N VAL A 164 -4.43 0.02 -5.17
CA VAL A 164 -5.41 -0.77 -5.93
C VAL A 164 -6.44 -1.24 -4.89
N ILE A 165 -7.71 -0.84 -5.11
CA ILE A 165 -8.76 -0.81 -4.10
C ILE A 165 -9.89 -1.79 -4.50
N PHE A 166 -10.24 -2.71 -3.60
CA PHE A 166 -11.23 -3.74 -3.90
C PHE A 166 -12.63 -3.17 -4.23
N LEU A 167 -13.11 -2.27 -3.38
CA LEU A 167 -14.46 -1.70 -3.58
C LEU A 167 -14.44 -0.35 -4.31
N PRO A 168 -15.18 -0.24 -5.47
CA PRO A 168 -15.32 1.07 -6.13
C PRO A 168 -15.77 2.21 -5.19
N GLN A 169 -16.62 1.93 -4.22
CA GLN A 169 -17.06 2.99 -3.27
C GLN A 169 -15.90 3.59 -2.42
N VAL A 170 -14.91 2.77 -2.10
CA VAL A 170 -13.69 3.24 -1.38
C VAL A 170 -12.80 4.04 -2.34
N LEU A 171 -12.68 3.60 -3.59
CA LEU A 171 -11.99 4.40 -4.61
C LEU A 171 -12.55 5.84 -4.68
N ASP A 172 -13.88 5.98 -4.64
CA ASP A 172 -14.50 7.32 -4.71
C ASP A 172 -14.02 8.21 -3.54
N VAL A 173 -13.88 7.64 -2.34
CA VAL A 173 -13.36 8.37 -1.18
C VAL A 173 -11.91 8.86 -1.42
N PHE A 174 -11.05 7.97 -1.96
CA PHE A 174 -9.67 8.38 -2.28
C PHE A 174 -9.62 9.51 -3.33
N TYR A 175 -10.43 9.38 -4.39
N TYR A 175 -10.42 9.38 -4.39
CA TYR A 175 -10.47 10.41 -5.42
CA TYR A 175 -10.50 10.41 -5.44
C TYR A 175 -10.88 11.77 -4.84
C TYR A 175 -10.88 11.78 -4.84
N ALA A 176 -11.90 11.80 -3.97
CA ALA A 176 -12.30 13.06 -3.35
C ALA A 176 -11.17 13.68 -2.51
N ASN A 177 -10.40 12.84 -1.82
CA ASN A 177 -9.29 13.34 -0.99
C ASN A 177 -8.18 13.96 -1.89
N MET A 178 -7.88 13.31 -3.00
CA MET A 178 -6.93 13.86 -4.00
C MET A 178 -7.38 15.25 -4.51
N LYS A 179 -8.67 15.37 -4.86
CA LYS A 179 -9.22 16.66 -5.35
C LYS A 179 -9.14 17.76 -4.30
N LYS A 180 -9.34 17.40 -3.03
CA LYS A 180 -9.25 18.36 -1.93
C LYS A 180 -7.82 18.95 -1.90
N ARG A 181 -6.81 18.13 -2.15
CA ARG A 181 -5.40 18.53 -2.03
C ARG A 181 -4.78 19.20 -3.26
N GLU A 182 -5.39 19.04 -4.44
CA GLU A 182 -4.68 19.38 -5.69
C GLU A 182 -4.31 20.85 -5.80
N GLY A 183 -3.20 21.13 -6.47
CA GLY A 183 -2.75 22.49 -6.70
C GLY A 183 -3.73 23.38 -7.44
CL CL B . -7.58 -4.65 6.99
CL CL C . -8.73 -2.60 -0.61
S DMS D . -4.27 3.51 15.42
O DMS D . -4.20 2.40 16.42
C1 DMS D . -5.54 3.07 14.35
C2 DMS D . -4.86 4.94 16.07
N1 9KS E . -9.79 -5.47 0.81
C4 9KS E . -9.45 -6.94 -1.16
C5 9KS E . -9.84 -8.06 -1.88
C6 9KS E . -10.92 -8.80 -1.48
C7 9KS E . -11.64 -8.44 -0.36
C8 9KS E . -11.26 -7.32 0.39
C1 9KS E . -8.89 -4.20 2.64
C2 9KS E . -9.34 -5.52 2.09
O1 9KS E . -9.32 -6.58 2.77
C3 9KS E . -10.16 -6.56 -0.02
O2 9KS E . -11.92 -6.92 1.49
#